data_2R0N
#
_entry.id   2R0N
#
_cell.length_a   114.650
_cell.length_b   114.650
_cell.length_c   126.780
_cell.angle_alpha   90.00
_cell.angle_beta   90.00
_cell.angle_gamma   120.00
#
_symmetry.space_group_name_H-M   'P 64 2 2'
#
loop_
_entity.id
_entity.type
_entity.pdbx_description
1 polymer 'Glutaryl-CoA dehydrogenase'
2 non-polymer 'FLAVIN-ADENINE DINUCLEOTIDE'
3 non-polymer 3-thiaglutaryl-CoA
4 water water
#
_entity_poly.entity_id   1
_entity_poly.type   'polypeptide(L)'
_entity_poly.pdbx_seq_one_letter_code
;RPEFDWQDPLVLEEQLTTDEILIRDTFRTYCQERLMPRILLANRNEVFHREIISEMGELGVLGPTIKGYGCAGVSSVAYG
LLARELERVDSGYRSAMSVQSSLVMHPIYAYGSEEQRQKYLPQLAKGELLGCFGLTEPNSGSDPSSMETRAHYNSSNKSY
TLNGTKTWITNSPMADLFVVWARCEDGCIRGFLLEKGMRGLSAPRIQGKFSLRASATGMIIMDGVEVPEENVLPGASSLG
GPFGCLNNARYGIAWGVLGASEFCLHTARQYALDRMQFGVPLARNQLIQKKLADMLTEITLGLHACLQLGRLKDQDKAAP
EMVSLLKRNNCGKALDIARQARDMLGGNGISDEYHVIRHAMNLEAVNTYEGTHDIHALILGRAITGIQAFTASK
;
_entity_poly.pdbx_strand_id   A
#
loop_
_chem_comp.id
_chem_comp.type
_chem_comp.name
_chem_comp.formula
FAD non-polymer 'FLAVIN-ADENINE DINUCLEOTIDE' 'C27 H33 N9 O15 P2'
TGC non-polymer 3-thiaglutaryl-CoA 'C25 H40 N7 O19 P3 S2'
#
# COMPACT_ATOMS: atom_id res chain seq x y z
N GLU A 3 -32.17 15.98 0.96
CA GLU A 3 -31.04 15.61 0.07
C GLU A 3 -29.69 15.89 0.74
N PHE A 4 -28.63 15.56 0.00
CA PHE A 4 -27.26 15.75 0.46
C PHE A 4 -26.86 14.97 1.71
N ASP A 5 -25.96 14.02 1.49
CA ASP A 5 -25.45 13.16 2.54
C ASP A 5 -23.95 13.45 2.62
N TRP A 6 -23.52 14.07 3.71
CA TRP A 6 -22.11 14.39 3.87
C TRP A 6 -21.21 13.16 3.81
N GLN A 7 -21.80 11.97 3.88
CA GLN A 7 -21.02 10.73 3.84
C GLN A 7 -20.78 10.27 2.41
N ASP A 8 -21.41 10.94 1.46
CA ASP A 8 -21.25 10.64 0.04
C ASP A 8 -21.91 11.80 -0.71
N PRO A 9 -21.49 13.04 -0.38
CA PRO A 9 -21.99 14.28 -0.97
C PRO A 9 -22.17 14.25 -2.48
N LEU A 10 -21.26 13.58 -3.19
CA LEU A 10 -21.34 13.51 -4.63
C LEU A 10 -21.79 12.14 -5.17
N VAL A 11 -22.54 11.42 -4.34
CA VAL A 11 -23.12 10.11 -4.69
C VAL A 11 -22.22 9.20 -5.52
N LEU A 12 -21.22 8.61 -4.87
CA LEU A 12 -20.31 7.68 -5.53
C LEU A 12 -21.01 6.33 -5.58
N GLU A 13 -21.92 6.12 -4.63
CA GLU A 13 -22.68 4.88 -4.51
C GLU A 13 -23.37 4.49 -5.82
N GLU A 14 -24.02 5.45 -6.48
CA GLU A 14 -24.71 5.17 -7.72
C GLU A 14 -23.76 5.10 -8.89
N GLN A 15 -22.47 5.06 -8.58
CA GLN A 15 -21.44 5.01 -9.60
C GLN A 15 -20.73 3.66 -9.55
N LEU A 16 -21.13 2.83 -8.58
CA LEU A 16 -20.55 1.51 -8.40
C LEU A 16 -21.55 0.42 -8.77
N THR A 17 -21.04 -0.68 -9.32
CA THR A 17 -21.90 -1.81 -9.70
C THR A 17 -22.41 -2.47 -8.43
N THR A 18 -23.31 -3.43 -8.57
CA THR A 18 -23.85 -4.11 -7.41
C THR A 18 -22.77 -5.00 -6.78
N ASP A 19 -21.91 -5.58 -7.62
CA ASP A 19 -20.84 -6.44 -7.11
C ASP A 19 -19.86 -5.63 -6.24
N GLU A 20 -19.36 -4.52 -6.80
CA GLU A 20 -18.42 -3.66 -6.09
C GLU A 20 -18.99 -3.25 -4.72
N ILE A 21 -20.27 -2.93 -4.68
CA ILE A 21 -20.91 -2.52 -3.43
C ILE A 21 -20.96 -3.69 -2.44
N LEU A 22 -21.36 -4.86 -2.94
CA LEU A 22 -21.45 -6.03 -2.09
C LEU A 22 -20.07 -6.43 -1.59
N ILE A 23 -19.07 -6.28 -2.46
CA ILE A 23 -17.70 -6.60 -2.11
C ILE A 23 -17.21 -5.68 -0.99
N ARG A 24 -17.49 -4.38 -1.14
CA ARG A 24 -17.08 -3.39 -0.15
C ARG A 24 -17.67 -3.65 1.24
N ASP A 25 -19.00 -3.69 1.33
CA ASP A 25 -19.67 -3.89 2.61
C ASP A 25 -19.36 -5.22 3.27
N THR A 26 -19.06 -6.23 2.47
CA THR A 26 -18.73 -7.53 3.02
C THR A 26 -17.41 -7.37 3.76
N PHE A 27 -16.39 -6.88 3.04
CA PHE A 27 -15.07 -6.68 3.61
C PHE A 27 -15.13 -5.69 4.78
N ARG A 28 -16.01 -4.70 4.67
CA ARG A 28 -16.14 -3.70 5.72
C ARG A 28 -16.60 -4.30 7.03
N THR A 29 -17.50 -5.27 6.96
CA THR A 29 -17.99 -5.91 8.17
C THR A 29 -16.82 -6.65 8.83
N TYR A 30 -15.95 -7.21 8.00
CA TYR A 30 -14.78 -7.93 8.49
C TYR A 30 -13.79 -6.99 9.14
N CYS A 31 -13.43 -5.92 8.43
CA CYS A 31 -12.49 -4.94 8.94
C CYS A 31 -12.94 -4.39 10.29
N GLN A 32 -14.23 -4.12 10.42
CA GLN A 32 -14.76 -3.56 11.66
C GLN A 32 -14.93 -4.61 12.76
N GLU A 33 -15.18 -5.85 12.35
CA GLU A 33 -15.36 -6.94 13.30
C GLU A 33 -14.06 -7.58 13.74
N ARG A 34 -13.22 -7.90 12.77
CA ARG A 34 -11.96 -8.59 13.02
C ARG A 34 -10.67 -7.78 13.10
N LEU A 35 -10.67 -6.54 12.61
CA LEU A 35 -9.44 -5.75 12.67
C LEU A 35 -9.54 -4.56 13.62
N MET A 36 -10.63 -3.83 13.53
CA MET A 36 -10.81 -2.64 14.36
C MET A 36 -10.62 -2.90 15.85
N PRO A 37 -11.10 -4.03 16.35
CA PRO A 37 -10.87 -4.23 17.80
C PRO A 37 -9.45 -4.59 18.24
N ARG A 38 -8.59 -5.00 17.30
CA ARG A 38 -7.22 -5.37 17.63
C ARG A 38 -6.15 -4.31 17.36
N ILE A 39 -6.50 -3.26 16.63
CA ILE A 39 -5.56 -2.21 16.27
C ILE A 39 -4.95 -1.38 17.42
N LEU A 40 -5.76 -1.01 18.40
CA LEU A 40 -5.24 -0.23 19.52
C LEU A 40 -3.95 -0.82 20.09
N LEU A 41 -4.02 -2.04 20.59
CA LEU A 41 -2.85 -2.70 21.16
C LEU A 41 -1.83 -3.17 20.12
N ALA A 42 -2.30 -3.54 18.94
CA ALA A 42 -1.40 -3.99 17.89
C ALA A 42 -0.45 -2.85 17.53
N ASN A 43 -1.00 -1.64 17.47
CA ASN A 43 -0.21 -0.46 17.14
C ASN A 43 0.62 0.01 18.34
N ARG A 44 0.05 -0.09 19.53
CA ARG A 44 0.74 0.34 20.73
C ARG A 44 1.96 -0.52 21.03
N ASN A 45 1.84 -1.83 20.81
CA ASN A 45 2.93 -2.75 21.08
C ASN A 45 3.58 -3.38 19.84
N GLU A 46 3.44 -2.72 18.69
CA GLU A 46 4.00 -3.20 17.43
C GLU A 46 3.81 -4.70 17.27
N VAL A 47 2.55 -5.13 17.21
CA VAL A 47 2.21 -6.54 17.06
C VAL A 47 1.37 -6.78 15.80
N PHE A 48 1.94 -7.44 14.80
CA PHE A 48 1.19 -7.72 13.58
C PHE A 48 0.81 -9.20 13.52
N HIS A 49 -0.44 -9.52 13.85
CA HIS A 49 -0.92 -10.90 13.84
C HIS A 49 -0.87 -11.50 12.43
N ARG A 50 -0.11 -12.58 12.28
CA ARG A 50 0.03 -13.25 11.00
C ARG A 50 -1.32 -13.74 10.46
N GLU A 51 -2.21 -14.13 11.37
CA GLU A 51 -3.53 -14.62 10.99
C GLU A 51 -4.19 -13.71 9.96
N ILE A 52 -4.10 -12.41 10.22
CA ILE A 52 -4.70 -11.42 9.33
C ILE A 52 -4.62 -11.82 7.87
N ILE A 53 -3.44 -12.17 7.39
CA ILE A 53 -3.29 -12.57 6.00
C ILE A 53 -4.15 -13.79 5.70
N SER A 54 -4.04 -14.83 6.51
CA SER A 54 -4.84 -16.04 6.32
C SER A 54 -6.30 -15.62 6.20
N GLU A 55 -6.73 -14.78 7.14
CA GLU A 55 -8.10 -14.27 7.18
C GLU A 55 -8.50 -13.57 5.88
N MET A 56 -7.66 -12.67 5.41
CA MET A 56 -7.96 -11.94 4.18
C MET A 56 -7.90 -12.86 2.97
N GLY A 57 -6.98 -13.81 3.00
CA GLY A 57 -6.83 -14.72 1.88
C GLY A 57 -8.08 -15.53 1.65
N GLU A 58 -8.62 -16.09 2.73
CA GLU A 58 -9.81 -16.92 2.66
C GLU A 58 -11.07 -16.13 2.33
N LEU A 59 -10.93 -14.82 2.21
CA LEU A 59 -12.04 -13.94 1.86
C LEU A 59 -11.85 -13.54 0.41
N GLY A 60 -10.70 -13.89 -0.15
CA GLY A 60 -10.38 -13.60 -1.54
C GLY A 60 -10.04 -12.17 -1.88
N VAL A 61 -9.67 -11.38 -0.87
CA VAL A 61 -9.32 -9.99 -1.09
C VAL A 61 -7.87 -9.82 -1.52
N LEU A 62 -7.11 -10.93 -1.51
CA LEU A 62 -5.71 -10.92 -1.92
C LEU A 62 -5.61 -11.15 -3.43
N GLY A 63 -4.96 -10.21 -4.12
CA GLY A 63 -4.83 -10.30 -5.57
C GLY A 63 -6.18 -10.45 -6.25
N PRO A 64 -7.17 -9.62 -5.90
CA PRO A 64 -8.52 -9.67 -6.47
C PRO A 64 -8.76 -9.36 -7.94
N THR A 65 -7.82 -8.73 -8.64
CA THR A 65 -8.06 -8.42 -10.04
C THR A 65 -7.45 -9.46 -10.99
N ILE A 66 -6.83 -10.47 -10.42
CA ILE A 66 -6.22 -11.52 -11.22
C ILE A 66 -7.29 -12.54 -11.56
N LYS A 67 -7.37 -12.91 -12.83
CA LYS A 67 -8.35 -13.88 -13.27
C LYS A 67 -7.78 -15.30 -13.18
N GLY A 68 -8.50 -16.17 -12.49
CA GLY A 68 -8.06 -17.53 -12.32
C GLY A 68 -7.02 -17.63 -11.22
N TYR A 69 -6.30 -18.75 -11.18
CA TYR A 69 -5.26 -18.98 -10.17
C TYR A 69 -5.75 -18.89 -8.76
N GLY A 70 -7.07 -18.96 -8.58
CA GLY A 70 -7.65 -18.90 -7.24
C GLY A 70 -8.05 -17.50 -6.80
N CYS A 71 -7.81 -16.51 -7.65
CA CYS A 71 -8.13 -15.12 -7.34
C CYS A 71 -9.59 -14.76 -7.62
N ALA A 72 -9.99 -13.59 -7.14
CA ALA A 72 -11.36 -13.10 -7.29
C ALA A 72 -11.70 -12.62 -8.70
N GLY A 73 -10.71 -12.08 -9.41
CA GLY A 73 -10.96 -11.59 -10.75
C GLY A 73 -11.97 -10.43 -10.80
N VAL A 74 -11.85 -9.48 -9.89
CA VAL A 74 -12.75 -8.33 -9.83
C VAL A 74 -12.17 -7.10 -10.54
N SER A 75 -12.88 -5.97 -10.43
CA SER A 75 -12.45 -4.73 -11.08
C SER A 75 -11.42 -3.95 -10.27
N SER A 76 -10.82 -2.95 -10.92
CA SER A 76 -9.84 -2.11 -10.25
C SER A 76 -10.55 -1.31 -9.17
N VAL A 77 -11.78 -0.89 -9.46
CA VAL A 77 -12.58 -0.13 -8.50
C VAL A 77 -12.76 -0.97 -7.24
N ALA A 78 -13.14 -2.23 -7.42
CA ALA A 78 -13.34 -3.13 -6.30
C ALA A 78 -12.05 -3.21 -5.49
N TYR A 79 -10.92 -3.17 -6.18
CA TYR A 79 -9.64 -3.20 -5.51
C TYR A 79 -9.53 -1.95 -4.64
N GLY A 80 -9.87 -0.81 -5.22
CA GLY A 80 -9.82 0.43 -4.47
C GLY A 80 -10.70 0.39 -3.25
N LEU A 81 -11.96 -0.01 -3.42
CA LEU A 81 -12.89 -0.08 -2.30
C LEU A 81 -12.35 -0.94 -1.15
N LEU A 82 -11.70 -2.04 -1.49
CA LEU A 82 -11.12 -2.95 -0.49
C LEU A 82 -10.04 -2.27 0.33
N ALA A 83 -9.08 -1.66 -0.37
CA ALA A 83 -7.99 -0.95 0.27
C ALA A 83 -8.55 0.12 1.20
N ARG A 84 -9.47 0.92 0.67
CA ARG A 84 -10.11 1.99 1.42
C ARG A 84 -10.70 1.49 2.74
N GLU A 85 -11.39 0.35 2.72
CA GLU A 85 -11.99 -0.19 3.92
C GLU A 85 -10.94 -0.64 4.92
N LEU A 86 -9.82 -1.16 4.41
CA LEU A 86 -8.71 -1.61 5.23
C LEU A 86 -7.99 -0.43 5.89
N GLU A 87 -7.67 0.58 5.09
CA GLU A 87 -6.99 1.75 5.63
C GLU A 87 -7.89 2.50 6.60
N ARG A 88 -9.21 2.35 6.44
CA ARG A 88 -10.16 2.99 7.34
C ARG A 88 -9.88 2.47 8.74
N VAL A 89 -9.29 1.28 8.81
CA VAL A 89 -8.91 0.69 10.08
C VAL A 89 -7.50 1.18 10.39
N ASP A 90 -6.53 0.73 9.59
CA ASP A 90 -5.14 1.15 9.78
C ASP A 90 -4.31 0.99 8.51
N SER A 91 -3.46 1.98 8.24
CA SER A 91 -2.60 1.96 7.06
C SER A 91 -1.64 0.77 7.05
N GLY A 92 -1.21 0.34 8.24
CA GLY A 92 -0.29 -0.78 8.32
C GLY A 92 -0.91 -1.98 7.66
N TYR A 93 -2.10 -2.34 8.14
CA TYR A 93 -2.84 -3.47 7.59
C TYR A 93 -2.95 -3.35 6.07
N ARG A 94 -3.45 -2.22 5.60
CA ARG A 94 -3.61 -2.00 4.17
C ARG A 94 -2.28 -2.17 3.48
N SER A 95 -1.23 -1.69 4.13
CA SER A 95 0.12 -1.80 3.58
C SER A 95 0.52 -3.25 3.38
N ALA A 96 0.19 -4.10 4.34
CA ALA A 96 0.53 -5.50 4.22
C ALA A 96 -0.28 -6.15 3.11
N MET A 97 -1.53 -5.73 2.97
CA MET A 97 -2.42 -6.27 1.96
C MET A 97 -2.09 -5.79 0.54
N SER A 98 -1.52 -4.60 0.44
CA SER A 98 -1.14 -4.00 -0.85
C SER A 98 0.13 -4.61 -1.40
N VAL A 99 1.04 -4.98 -0.51
CA VAL A 99 2.29 -5.60 -0.92
C VAL A 99 1.96 -6.97 -1.51
N GLN A 100 1.20 -7.74 -0.73
CA GLN A 100 0.78 -9.07 -1.11
C GLN A 100 0.13 -9.09 -2.49
N SER A 101 -0.83 -8.19 -2.69
CA SER A 101 -1.56 -8.10 -3.95
C SER A 101 -0.82 -7.52 -5.16
N SER A 102 -0.47 -6.24 -5.09
CA SER A 102 0.21 -5.57 -6.20
C SER A 102 1.71 -5.74 -6.34
N LEU A 103 2.40 -6.04 -5.24
CA LEU A 103 3.86 -6.17 -5.32
C LEU A 103 4.41 -7.59 -5.33
N VAL A 104 3.56 -8.58 -5.10
CA VAL A 104 4.01 -9.96 -5.11
C VAL A 104 3.26 -10.76 -6.17
N MET A 105 1.96 -10.90 -5.96
CA MET A 105 1.12 -11.64 -6.89
C MET A 105 1.12 -11.02 -8.29
N HIS A 106 0.83 -9.73 -8.40
CA HIS A 106 0.80 -9.11 -9.71
C HIS A 106 2.04 -9.41 -10.54
N PRO A 107 3.25 -9.13 -10.01
CA PRO A 107 4.47 -9.40 -10.78
C PRO A 107 4.65 -10.88 -11.14
N ILE A 108 4.33 -11.77 -10.21
CA ILE A 108 4.43 -13.20 -10.47
C ILE A 108 3.54 -13.52 -11.67
N TYR A 109 2.31 -13.03 -11.60
CA TYR A 109 1.30 -13.23 -12.62
C TYR A 109 1.62 -12.60 -13.98
N ALA A 110 2.26 -11.44 -13.97
CA ALA A 110 2.56 -10.74 -15.21
C ALA A 110 3.97 -10.88 -15.76
N TYR A 111 4.93 -11.14 -14.88
CA TYR A 111 6.32 -11.27 -15.34
C TYR A 111 6.83 -12.69 -15.16
N GLY A 112 6.16 -13.44 -14.29
CA GLY A 112 6.55 -14.81 -14.03
C GLY A 112 6.18 -15.79 -15.12
N SER A 113 6.72 -17.01 -15.00
CA SER A 113 6.45 -18.08 -15.94
C SER A 113 5.17 -18.78 -15.50
N GLU A 114 4.68 -19.68 -16.34
CA GLU A 114 3.47 -20.42 -16.00
C GLU A 114 3.74 -21.34 -14.84
N GLU A 115 4.96 -21.85 -14.77
CA GLU A 115 5.35 -22.76 -13.69
C GLU A 115 5.27 -22.06 -12.34
N GLN A 116 5.69 -20.79 -12.32
CA GLN A 116 5.67 -19.98 -11.10
C GLN A 116 4.25 -19.55 -10.75
N ARG A 117 3.52 -19.11 -11.78
CA ARG A 117 2.13 -18.68 -11.60
C ARG A 117 1.33 -19.78 -10.92
N GLN A 118 1.56 -21.01 -11.34
CA GLN A 118 0.85 -22.16 -10.78
C GLN A 118 1.31 -22.48 -9.37
N LYS A 119 2.62 -22.51 -9.20
CA LYS A 119 3.22 -22.82 -7.92
C LYS A 119 2.89 -21.84 -6.80
N TYR A 120 3.01 -20.55 -7.10
CA TYR A 120 2.78 -19.53 -6.08
C TYR A 120 1.44 -18.83 -5.98
N LEU A 121 0.83 -18.48 -7.10
CA LEU A 121 -0.43 -17.76 -7.07
C LEU A 121 -1.50 -18.31 -6.13
N PRO A 122 -1.88 -19.58 -6.26
CA PRO A 122 -2.91 -20.12 -5.37
C PRO A 122 -2.61 -19.94 -3.87
N GLN A 123 -1.39 -20.29 -3.45
CA GLN A 123 -1.01 -20.15 -2.03
C GLN A 123 -1.07 -18.72 -1.52
N LEU A 124 -0.62 -17.76 -2.34
CA LEU A 124 -0.66 -16.36 -1.94
C LEU A 124 -2.12 -15.93 -1.81
N ALA A 125 -2.89 -16.14 -2.87
CA ALA A 125 -4.31 -15.79 -2.88
C ALA A 125 -5.02 -16.30 -1.64
N LYS A 126 -4.53 -17.41 -1.08
CA LYS A 126 -5.14 -17.98 0.11
C LYS A 126 -4.48 -17.44 1.37
N GLY A 127 -3.39 -16.72 1.19
CA GLY A 127 -2.68 -16.16 2.32
C GLY A 127 -1.90 -17.21 3.08
N GLU A 128 -1.54 -18.29 2.40
CA GLU A 128 -0.79 -19.37 3.02
C GLU A 128 0.69 -19.03 2.87
N LEU A 129 0.95 -18.06 2.01
CA LEU A 129 2.30 -17.59 1.75
C LEU A 129 2.36 -16.08 1.83
N LEU A 130 3.05 -15.57 2.84
CA LEU A 130 3.19 -14.13 2.99
C LEU A 130 4.42 -13.69 2.19
N GLY A 131 4.22 -12.82 1.22
CA GLY A 131 5.34 -12.37 0.43
C GLY A 131 5.77 -10.96 0.76
N CYS A 132 6.80 -10.48 0.05
CA CYS A 132 7.29 -9.12 0.24
C CYS A 132 8.02 -8.69 -1.03
N PHE A 133 8.14 -7.38 -1.20
CA PHE A 133 8.75 -6.79 -2.38
C PHE A 133 10.04 -6.07 -1.93
N GLY A 134 11.18 -6.47 -2.49
CA GLY A 134 12.45 -5.85 -2.12
C GLY A 134 13.09 -5.02 -3.21
N LEU A 135 12.90 -3.71 -3.15
CA LEU A 135 13.50 -2.83 -4.16
C LEU A 135 14.44 -1.84 -3.49
N THR A 136 13.94 -1.21 -2.42
CA THR A 136 14.67 -0.23 -1.66
C THR A 136 15.91 -0.82 -0.97
N GLU A 137 16.96 -0.01 -0.94
CA GLU A 137 18.21 -0.40 -0.29
C GLU A 137 18.63 0.79 0.53
N PRO A 138 19.47 0.57 1.55
CA PRO A 138 19.92 1.68 2.39
C PRO A 138 20.43 2.87 1.56
N ASN A 139 20.97 2.60 0.38
CA ASN A 139 21.49 3.67 -0.47
C ASN A 139 20.68 3.96 -1.71
N SER A 140 19.58 3.23 -1.90
CA SER A 140 18.71 3.44 -3.05
C SER A 140 17.26 3.54 -2.62
N GLY A 141 16.73 4.76 -2.66
CA GLY A 141 15.34 4.97 -2.28
C GLY A 141 14.58 5.55 -3.46
N SER A 142 14.73 6.86 -3.67
CA SER A 142 14.07 7.53 -4.78
C SER A 142 14.76 7.19 -6.11
N ASP A 143 15.97 6.66 -6.01
CA ASP A 143 16.75 6.28 -7.18
C ASP A 143 17.05 4.78 -7.20
N PRO A 144 16.07 3.96 -7.61
CA PRO A 144 16.20 2.50 -7.69
C PRO A 144 17.22 2.05 -8.71
N SER A 145 17.61 2.95 -9.60
CA SER A 145 18.58 2.61 -10.63
C SER A 145 20.00 2.59 -10.08
N SER A 146 20.16 3.00 -8.83
CA SER A 146 21.48 3.02 -8.20
C SER A 146 21.62 1.84 -7.22
N MET A 147 20.61 0.99 -7.17
CA MET A 147 20.63 -0.16 -6.27
C MET A 147 21.95 -0.93 -6.41
N GLU A 148 22.45 -1.44 -5.30
CA GLU A 148 23.73 -2.16 -5.29
C GLU A 148 23.65 -3.68 -5.32
N THR A 149 22.51 -4.25 -4.97
CA THR A 149 22.37 -5.69 -4.99
C THR A 149 22.71 -6.24 -6.38
N ARG A 150 23.67 -7.15 -6.44
CA ARG A 150 24.08 -7.73 -7.71
C ARG A 150 23.73 -9.20 -7.77
N ALA A 151 23.44 -9.68 -8.98
CA ALA A 151 23.10 -11.07 -9.21
C ALA A 151 24.14 -11.63 -10.18
N HIS A 152 24.86 -12.65 -9.74
CA HIS A 152 25.87 -13.27 -10.59
C HIS A 152 25.32 -14.56 -11.18
N TYR A 153 25.39 -14.66 -12.50
CA TYR A 153 24.90 -15.84 -13.19
C TYR A 153 25.93 -16.97 -13.17
N ASN A 154 25.48 -18.16 -12.77
CA ASN A 154 26.34 -19.34 -12.70
C ASN A 154 25.96 -20.28 -13.82
N SER A 155 26.72 -20.24 -14.92
CA SER A 155 26.44 -21.09 -16.08
C SER A 155 26.31 -22.58 -15.75
N SER A 156 27.20 -23.11 -14.91
CA SER A 156 27.17 -24.52 -14.55
C SER A 156 25.77 -25.06 -14.24
N ASN A 157 25.05 -24.39 -13.34
CA ASN A 157 23.71 -24.83 -12.97
C ASN A 157 22.63 -23.82 -13.37
N LYS A 158 23.02 -22.83 -14.17
CA LYS A 158 22.12 -21.80 -14.67
C LYS A 158 21.37 -21.04 -13.56
N SER A 159 22.05 -20.82 -12.44
CA SER A 159 21.46 -20.11 -11.31
C SER A 159 22.10 -18.75 -11.15
N TYR A 160 21.62 -17.98 -10.18
CA TYR A 160 22.16 -16.66 -9.90
C TYR A 160 22.50 -16.56 -8.43
N THR A 161 23.61 -15.91 -8.13
CA THR A 161 24.03 -15.72 -6.76
C THR A 161 23.84 -14.23 -6.47
N LEU A 162 22.81 -13.92 -5.69
CA LEU A 162 22.52 -12.53 -5.32
C LEU A 162 23.27 -12.10 -4.06
N ASN A 163 23.75 -10.86 -4.10
CA ASN A 163 24.46 -10.27 -2.96
C ASN A 163 24.01 -8.83 -2.78
N GLY A 164 23.43 -8.53 -1.62
CA GLY A 164 22.97 -7.18 -1.38
C GLY A 164 22.10 -7.05 -0.15
N THR A 165 21.60 -5.84 0.07
CA THR A 165 20.75 -5.55 1.22
C THR A 165 19.58 -4.63 0.87
N LYS A 166 18.38 -5.10 1.16
CA LYS A 166 17.17 -4.31 0.93
C LYS A 166 16.69 -3.94 2.32
N THR A 167 16.38 -2.68 2.54
CA THR A 167 15.89 -2.26 3.84
C THR A 167 14.51 -1.62 3.71
N TRP A 168 13.84 -1.41 4.85
CA TRP A 168 12.49 -0.84 4.86
C TRP A 168 11.57 -1.69 4.03
N ILE A 169 11.64 -3.02 4.19
CA ILE A 169 10.82 -3.94 3.42
C ILE A 169 9.63 -4.46 4.25
N THR A 170 8.43 -4.05 3.87
CA THR A 170 7.22 -4.49 4.56
C THR A 170 7.01 -5.99 4.47
N ASN A 171 6.79 -6.63 5.61
CA ASN A 171 6.56 -8.07 5.70
C ASN A 171 7.80 -8.96 5.61
N SER A 172 8.96 -8.41 5.26
CA SER A 172 10.15 -9.25 5.14
C SER A 172 10.38 -10.12 6.37
N PRO A 173 10.20 -9.56 7.58
CA PRO A 173 10.42 -10.37 8.79
C PRO A 173 9.62 -11.67 8.89
N MET A 174 8.34 -11.64 8.56
CA MET A 174 7.54 -12.87 8.63
C MET A 174 7.17 -13.42 7.28
N ALA A 175 7.92 -13.03 6.26
CA ALA A 175 7.69 -13.45 4.89
C ALA A 175 8.19 -14.85 4.56
N ASP A 176 7.47 -15.50 3.64
CA ASP A 176 7.80 -16.84 3.18
C ASP A 176 8.44 -16.68 1.80
N LEU A 177 7.87 -15.79 1.00
CA LEU A 177 8.34 -15.52 -0.36
C LEU A 177 8.91 -14.10 -0.46
N PHE A 178 9.99 -13.95 -1.23
CA PHE A 178 10.63 -12.65 -1.41
C PHE A 178 10.81 -12.31 -2.88
N VAL A 179 10.35 -11.13 -3.29
CA VAL A 179 10.52 -10.72 -4.68
C VAL A 179 11.59 -9.66 -4.72
N VAL A 180 12.83 -10.09 -4.89
CA VAL A 180 13.96 -9.19 -4.92
C VAL A 180 14.36 -8.74 -6.31
N TRP A 181 14.67 -7.45 -6.46
CA TRP A 181 15.10 -6.92 -7.76
C TRP A 181 16.61 -6.63 -7.65
N ALA A 182 17.39 -7.19 -8.57
CA ALA A 182 18.83 -6.99 -8.54
C ALA A 182 19.39 -6.69 -9.92
N ARG A 183 20.48 -5.93 -9.95
CA ARG A 183 21.15 -5.57 -11.20
C ARG A 183 21.99 -6.75 -11.67
N CYS A 184 21.76 -7.21 -12.89
CA CYS A 184 22.51 -8.33 -13.41
C CYS A 184 23.81 -7.87 -14.04
N GLU A 185 24.71 -8.80 -14.29
CA GLU A 185 26.01 -8.49 -14.86
C GLU A 185 26.04 -7.89 -16.26
N ASP A 186 24.89 -7.81 -16.89
CA ASP A 186 24.80 -7.23 -18.23
C ASP A 186 24.11 -5.86 -18.19
N GLY A 187 23.97 -5.31 -16.99
CA GLY A 187 23.35 -4.00 -16.83
C GLY A 187 21.85 -4.03 -16.63
N CYS A 188 21.21 -5.11 -17.05
CA CYS A 188 19.77 -5.23 -16.90
C CYS A 188 19.46 -5.67 -15.47
N ILE A 189 18.22 -5.46 -15.06
CA ILE A 189 17.79 -5.84 -13.72
C ILE A 189 16.61 -6.78 -13.85
N ARG A 190 16.71 -7.93 -13.19
CA ARG A 190 15.64 -8.91 -13.25
C ARG A 190 15.08 -9.12 -11.86
N GLY A 191 13.94 -9.80 -11.78
CA GLY A 191 13.32 -10.08 -10.49
C GLY A 191 13.69 -11.50 -10.10
N PHE A 192 13.89 -11.72 -8.81
CA PHE A 192 14.27 -13.04 -8.32
C PHE A 192 13.36 -13.44 -7.18
N LEU A 193 12.82 -14.65 -7.26
CA LEU A 193 11.93 -15.17 -6.21
C LEU A 193 12.73 -15.92 -5.18
N LEU A 194 12.82 -15.38 -3.96
CA LEU A 194 13.54 -16.03 -2.89
C LEU A 194 12.57 -16.60 -1.87
N GLU A 195 12.99 -17.67 -1.21
CA GLU A 195 12.15 -18.33 -0.21
C GLU A 195 12.86 -18.39 1.12
N LYS A 196 12.08 -18.34 2.20
CA LYS A 196 12.67 -18.41 3.53
C LYS A 196 13.37 -19.75 3.65
N GLY A 197 14.56 -19.75 4.22
CA GLY A 197 15.28 -21.00 4.37
C GLY A 197 16.54 -21.02 3.53
N MET A 198 16.49 -20.37 2.37
CA MET A 198 17.66 -20.32 1.50
C MET A 198 18.82 -19.85 2.35
N ARG A 199 19.98 -20.49 2.17
CA ARG A 199 21.16 -20.14 2.94
C ARG A 199 21.63 -18.77 2.49
N GLY A 200 22.07 -17.95 3.46
CA GLY A 200 22.55 -16.61 3.16
C GLY A 200 21.46 -15.57 3.16
N LEU A 201 20.24 -15.99 3.51
CA LEU A 201 19.08 -15.11 3.53
C LEU A 201 18.53 -14.83 4.92
N SER A 202 18.63 -13.57 5.34
CA SER A 202 18.11 -13.17 6.63
C SER A 202 17.20 -11.96 6.44
N ALA A 203 16.14 -11.89 7.25
CA ALA A 203 15.18 -10.79 7.17
C ALA A 203 14.88 -10.23 8.56
N PRO A 204 15.87 -9.55 9.16
CA PRO A 204 15.68 -8.97 10.49
C PRO A 204 14.69 -7.80 10.51
N ARG A 205 13.94 -7.72 11.60
CA ARG A 205 12.92 -6.70 11.82
C ARG A 205 13.51 -5.37 12.26
N ILE A 206 12.95 -4.27 11.71
CA ILE A 206 13.41 -2.92 12.04
C ILE A 206 12.67 -2.41 13.27
N GLN A 207 13.41 -1.78 14.19
CA GLN A 207 12.84 -1.26 15.43
C GLN A 207 12.85 0.26 15.51
N GLY A 208 11.99 0.81 16.37
CA GLY A 208 11.95 2.25 16.54
C GLY A 208 11.01 3.00 15.60
N LYS A 209 10.09 2.26 14.96
CA LYS A 209 9.13 2.85 14.04
C LYS A 209 8.05 3.62 14.79
N PHE A 210 7.72 4.82 14.33
CA PHE A 210 6.65 5.58 14.94
C PHE A 210 5.66 5.93 13.84
N SER A 211 5.46 4.95 12.97
CA SER A 211 4.55 5.06 11.83
C SER A 211 4.37 3.66 11.29
N LEU A 212 3.12 3.27 11.05
CA LEU A 212 2.81 1.93 10.56
C LEU A 212 3.36 0.87 11.51
N ARG A 213 3.25 1.13 12.81
CA ARG A 213 3.74 0.22 13.85
C ARG A 213 3.08 -1.17 13.91
N ALA A 214 1.83 -1.26 13.44
CA ALA A 214 1.11 -2.53 13.44
C ALA A 214 1.52 -3.35 12.22
N SER A 215 2.50 -2.85 11.50
CA SER A 215 2.99 -3.51 10.30
C SER A 215 4.44 -3.95 10.48
N ALA A 216 4.72 -5.22 10.23
CA ALA A 216 6.07 -5.74 10.36
C ALA A 216 6.92 -5.25 9.18
N THR A 217 8.01 -4.56 9.48
CA THR A 217 8.92 -4.05 8.48
C THR A 217 10.32 -4.55 8.81
N GLY A 218 11.11 -4.85 7.79
CA GLY A 218 12.44 -5.35 8.03
C GLY A 218 13.36 -5.22 6.84
N MET A 219 14.39 -6.04 6.82
CA MET A 219 15.36 -6.03 5.74
C MET A 219 15.38 -7.34 5.00
N ILE A 220 16.17 -7.39 3.93
CA ILE A 220 16.38 -8.59 3.15
C ILE A 220 17.88 -8.60 2.87
N ILE A 221 18.65 -9.19 3.78
CA ILE A 221 20.10 -9.26 3.64
C ILE A 221 20.44 -10.56 2.91
N MET A 222 21.08 -10.43 1.74
CA MET A 222 21.45 -11.60 0.95
C MET A 222 22.95 -11.82 0.87
N ASP A 223 23.43 -12.81 1.64
CA ASP A 223 24.84 -13.17 1.70
C ASP A 223 25.11 -14.27 0.67
N GLY A 224 25.30 -13.88 -0.58
CA GLY A 224 25.55 -14.84 -1.64
C GLY A 224 24.47 -15.90 -1.69
N VAL A 225 23.22 -15.48 -1.87
CA VAL A 225 22.11 -16.44 -1.93
C VAL A 225 22.01 -16.94 -3.36
N GLU A 226 21.86 -18.25 -3.51
CA GLU A 226 21.76 -18.84 -4.83
C GLU A 226 20.32 -19.11 -5.22
N VAL A 227 19.89 -18.44 -6.28
CA VAL A 227 18.54 -18.58 -6.79
C VAL A 227 18.52 -19.48 -8.01
N PRO A 228 17.73 -20.55 -7.97
CA PRO A 228 17.65 -21.49 -9.09
C PRO A 228 17.21 -20.82 -10.38
N GLU A 229 17.38 -21.54 -11.48
CA GLU A 229 16.99 -21.05 -12.80
C GLU A 229 15.49 -20.82 -12.85
N GLU A 230 14.74 -21.70 -12.18
CA GLU A 230 13.29 -21.62 -12.17
C GLU A 230 12.71 -20.54 -11.26
N ASN A 231 13.56 -19.83 -10.53
CA ASN A 231 13.07 -18.78 -9.64
C ASN A 231 13.34 -17.39 -10.20
N VAL A 232 13.90 -17.32 -11.40
CA VAL A 232 14.15 -16.04 -12.02
C VAL A 232 12.87 -15.66 -12.76
N LEU A 233 12.61 -14.36 -12.84
CA LEU A 233 11.40 -13.88 -13.49
C LEU A 233 11.65 -13.62 -14.98
N PRO A 234 11.12 -14.49 -15.84
CA PRO A 234 11.27 -14.41 -17.29
C PRO A 234 10.89 -13.08 -17.97
N GLY A 235 9.89 -12.39 -17.43
CA GLY A 235 9.49 -11.13 -18.06
C GLY A 235 10.09 -9.87 -17.45
N ALA A 236 11.35 -9.95 -17.04
CA ALA A 236 12.03 -8.81 -16.44
C ALA A 236 13.19 -8.24 -17.27
N SER A 237 13.39 -6.93 -17.14
CA SER A 237 14.45 -6.24 -17.86
C SER A 237 14.35 -4.76 -17.47
N SER A 238 15.29 -4.33 -16.64
CA SER A 238 15.34 -2.96 -16.13
C SER A 238 14.13 -2.60 -15.25
N LEU A 239 14.20 -1.41 -14.63
CA LEU A 239 13.17 -0.91 -13.73
C LEU A 239 11.70 -1.04 -14.14
N GLY A 240 11.46 -1.18 -15.44
CA GLY A 240 10.09 -1.32 -15.92
C GLY A 240 9.28 -2.38 -15.18
N GLY A 241 9.95 -3.46 -14.78
CA GLY A 241 9.29 -4.54 -14.07
C GLY A 241 8.68 -4.12 -12.73
N PRO A 242 9.51 -3.68 -11.77
CA PRO A 242 8.97 -3.26 -10.48
C PRO A 242 8.11 -2.00 -10.61
N PHE A 243 8.44 -1.15 -11.58
CA PHE A 243 7.68 0.08 -11.80
C PHE A 243 6.24 -0.22 -12.24
N GLY A 244 6.04 -1.36 -12.90
CA GLY A 244 4.71 -1.73 -13.34
C GLY A 244 3.90 -2.20 -12.15
N CYS A 245 4.58 -2.85 -11.20
CA CYS A 245 3.92 -3.33 -10.01
C CYS A 245 3.63 -2.14 -9.11
N LEU A 246 4.53 -1.16 -9.12
CA LEU A 246 4.36 0.03 -8.32
C LEU A 246 3.10 0.76 -8.72
N ASN A 247 2.92 0.94 -10.03
CA ASN A 247 1.74 1.63 -10.55
C ASN A 247 0.47 1.01 -10.01
N ASN A 248 0.45 -0.30 -9.84
CA ASN A 248 -0.73 -0.98 -9.31
C ASN A 248 -0.88 -0.69 -7.83
N ALA A 249 0.23 -0.71 -7.10
CA ALA A 249 0.21 -0.46 -5.67
C ALA A 249 -0.15 0.98 -5.35
N ARG A 250 0.42 1.92 -6.09
CA ARG A 250 0.14 3.33 -5.87
C ARG A 250 -1.35 3.62 -6.04
N TYR A 251 -1.99 2.89 -6.94
CA TYR A 251 -3.43 3.03 -7.19
C TYR A 251 -4.19 2.61 -5.93
N GLY A 252 -3.78 1.49 -5.35
CA GLY A 252 -4.43 1.02 -4.14
C GLY A 252 -4.27 2.02 -2.99
N ILE A 253 -3.10 2.66 -2.91
CA ILE A 253 -2.83 3.64 -1.87
C ILE A 253 -3.68 4.89 -2.11
N ALA A 254 -3.73 5.37 -3.35
CA ALA A 254 -4.54 6.55 -3.67
C ALA A 254 -5.94 6.37 -3.09
N TRP A 255 -6.47 5.15 -3.15
CA TRP A 255 -7.79 4.82 -2.61
C TRP A 255 -7.73 4.61 -1.09
N GLY A 256 -6.70 3.91 -0.63
CA GLY A 256 -6.57 3.64 0.79
C GLY A 256 -6.60 4.83 1.72
N VAL A 257 -5.71 5.79 1.49
CA VAL A 257 -5.64 6.97 2.33
C VAL A 257 -6.99 7.68 2.44
N LEU A 258 -7.86 7.51 1.45
CA LEU A 258 -9.16 8.16 1.53
C LEU A 258 -9.96 7.52 2.67
N GLY A 259 -9.72 6.23 2.90
CA GLY A 259 -10.40 5.54 3.98
C GLY A 259 -9.94 6.09 5.30
N ALA A 260 -8.65 6.41 5.39
CA ALA A 260 -8.05 6.96 6.60
C ALA A 260 -8.62 8.36 6.84
N SER A 261 -8.59 9.20 5.79
CA SER A 261 -9.10 10.56 5.91
C SER A 261 -10.56 10.52 6.38
N GLU A 262 -11.33 9.60 5.83
CA GLU A 262 -12.73 9.45 6.21
C GLU A 262 -12.89 9.09 7.67
N PHE A 263 -12.06 8.19 8.19
CA PHE A 263 -12.17 7.84 9.59
C PHE A 263 -11.91 9.07 10.46
N CYS A 264 -10.90 9.86 10.10
CA CYS A 264 -10.58 11.05 10.86
C CYS A 264 -11.69 12.10 10.78
N LEU A 265 -12.30 12.26 9.61
CA LEU A 265 -13.39 13.24 9.48
C LEU A 265 -14.51 12.80 10.43
N HIS A 266 -14.96 11.57 10.29
CA HIS A 266 -16.03 11.04 11.16
C HIS A 266 -15.74 11.23 12.64
N THR A 267 -14.53 10.89 13.04
CA THR A 267 -14.13 11.02 14.44
C THR A 267 -14.15 12.47 14.91
N ALA A 268 -13.54 13.36 14.12
CA ALA A 268 -13.47 14.78 14.45
C ALA A 268 -14.87 15.38 14.45
N ARG A 269 -15.68 14.99 13.47
CA ARG A 269 -17.05 15.48 13.38
C ARG A 269 -17.84 15.05 14.60
N GLN A 270 -17.80 13.76 14.91
CA GLN A 270 -18.53 13.23 16.07
C GLN A 270 -18.03 13.90 17.34
N TYR A 271 -16.71 13.99 17.48
CA TYR A 271 -16.13 14.61 18.66
C TYR A 271 -16.62 16.05 18.75
N ALA A 272 -16.62 16.76 17.63
CA ALA A 272 -17.07 18.14 17.59
C ALA A 272 -18.50 18.30 18.06
N LEU A 273 -19.27 17.21 17.95
CA LEU A 273 -20.66 17.22 18.36
C LEU A 273 -20.84 16.89 19.85
N ASP A 274 -20.14 15.86 20.31
CA ASP A 274 -20.23 15.44 21.71
C ASP A 274 -19.49 16.33 22.71
N ARG A 275 -18.32 16.83 22.32
CA ARG A 275 -17.51 17.67 23.20
C ARG A 275 -18.08 19.08 23.38
N MET A 276 -18.29 19.46 24.64
CA MET A 276 -18.83 20.77 24.98
C MET A 276 -17.79 21.71 25.57
N GLN A 277 -17.76 22.94 25.07
CA GLN A 277 -16.85 23.96 25.58
C GLN A 277 -17.56 25.29 25.45
N PHE A 278 -17.38 26.14 26.45
CA PHE A 278 -17.99 27.46 26.43
C PHE A 278 -19.52 27.32 26.35
N GLY A 279 -20.01 26.18 26.83
CA GLY A 279 -21.44 25.94 26.86
C GLY A 279 -22.08 25.50 25.57
N VAL A 280 -21.30 24.97 24.64
CA VAL A 280 -21.84 24.49 23.37
C VAL A 280 -20.93 23.41 22.81
N PRO A 281 -21.40 22.70 21.78
CA PRO A 281 -20.51 21.68 21.24
C PRO A 281 -19.49 22.43 20.38
N LEU A 282 -18.30 21.88 20.27
CA LEU A 282 -17.26 22.50 19.46
C LEU A 282 -17.77 22.77 18.04
N ALA A 283 -18.62 21.88 17.54
CA ALA A 283 -19.14 22.05 16.18
C ALA A 283 -19.93 23.35 15.97
N ARG A 284 -20.17 24.10 17.03
CA ARG A 284 -20.91 25.35 16.91
C ARG A 284 -19.94 26.47 16.49
N ASN A 285 -18.65 26.23 16.65
CA ASN A 285 -17.64 27.24 16.31
C ASN A 285 -17.26 27.26 14.85
N GLN A 286 -17.12 28.48 14.32
CA GLN A 286 -16.74 28.65 12.92
C GLN A 286 -15.41 28.00 12.58
N LEU A 287 -14.41 28.19 13.43
CA LEU A 287 -13.10 27.61 13.15
C LEU A 287 -13.21 26.10 13.01
N ILE A 288 -14.04 25.47 13.85
CA ILE A 288 -14.21 24.03 13.78
C ILE A 288 -14.91 23.58 12.49
N GLN A 289 -15.94 24.32 12.09
CA GLN A 289 -16.72 24.01 10.90
C GLN A 289 -15.93 24.12 9.59
N LYS A 290 -15.01 25.08 9.51
CA LYS A 290 -14.23 25.23 8.29
C LYS A 290 -13.32 24.03 8.10
N LYS A 291 -12.80 23.50 9.20
CA LYS A 291 -11.93 22.34 9.13
C LYS A 291 -12.70 21.14 8.62
N LEU A 292 -13.91 20.95 9.13
CA LEU A 292 -14.72 19.83 8.69
C LEU A 292 -15.02 20.01 7.20
N ALA A 293 -15.23 21.26 6.79
CA ALA A 293 -15.53 21.57 5.40
C ALA A 293 -14.39 21.21 4.45
N ASP A 294 -13.16 21.50 4.88
CA ASP A 294 -11.99 21.21 4.06
C ASP A 294 -11.73 19.71 3.96
N MET A 295 -11.84 19.01 5.07
CA MET A 295 -11.63 17.57 5.07
C MET A 295 -12.56 16.96 4.02
N LEU A 296 -13.86 17.16 4.20
CA LEU A 296 -14.85 16.61 3.29
C LEU A 296 -14.61 17.02 1.84
N THR A 297 -14.17 18.26 1.64
CA THR A 297 -13.92 18.74 0.29
C THR A 297 -12.86 17.92 -0.41
N GLU A 298 -11.69 17.78 0.23
CA GLU A 298 -10.59 17.03 -0.38
C GLU A 298 -10.91 15.54 -0.53
N ILE A 299 -11.47 14.94 0.51
CA ILE A 299 -11.81 13.53 0.43
C ILE A 299 -12.65 13.32 -0.82
N THR A 300 -13.66 14.17 -0.99
CA THR A 300 -14.55 14.07 -2.13
C THR A 300 -13.81 14.15 -3.45
N LEU A 301 -12.99 15.18 -3.63
CA LEU A 301 -12.24 15.36 -4.86
C LEU A 301 -11.44 14.11 -5.18
N GLY A 302 -10.78 13.56 -4.16
CA GLY A 302 -9.96 12.38 -4.34
C GLY A 302 -10.76 11.15 -4.72
N LEU A 303 -11.84 10.91 -3.98
CA LEU A 303 -12.72 9.75 -4.22
C LEU A 303 -13.14 9.60 -5.67
N HIS A 304 -13.79 10.63 -6.20
CA HIS A 304 -14.28 10.58 -7.55
C HIS A 304 -13.18 10.52 -8.59
N ALA A 305 -12.03 11.09 -8.26
CA ALA A 305 -10.91 11.03 -9.18
C ALA A 305 -10.42 9.57 -9.21
N CYS A 306 -10.36 8.93 -8.03
CA CYS A 306 -9.93 7.55 -7.96
C CYS A 306 -10.90 6.64 -8.71
N LEU A 307 -12.19 6.95 -8.63
CA LEU A 307 -13.17 6.13 -9.35
C LEU A 307 -12.86 6.12 -10.84
N GLN A 308 -12.66 7.31 -11.41
CA GLN A 308 -12.37 7.47 -12.83
C GLN A 308 -11.08 6.79 -13.25
N LEU A 309 -10.15 6.61 -12.32
CA LEU A 309 -8.89 5.96 -12.64
C LEU A 309 -9.14 4.46 -12.59
N GLY A 310 -10.08 4.06 -11.74
CA GLY A 310 -10.42 2.65 -11.67
C GLY A 310 -10.93 2.25 -13.05
N ARG A 311 -11.98 2.94 -13.50
CA ARG A 311 -12.56 2.65 -14.79
C ARG A 311 -11.56 2.65 -15.95
N LEU A 312 -10.64 3.61 -15.97
CA LEU A 312 -9.65 3.69 -17.03
C LEU A 312 -8.68 2.51 -16.98
N LYS A 313 -8.36 2.08 -15.76
CA LYS A 313 -7.45 0.96 -15.53
C LYS A 313 -8.01 -0.30 -16.18
N ASP A 314 -9.27 -0.60 -15.91
CA ASP A 314 -9.90 -1.78 -16.47
C ASP A 314 -10.07 -1.68 -17.99
N GLN A 315 -10.01 -0.47 -18.51
CA GLN A 315 -10.13 -0.27 -19.94
C GLN A 315 -8.73 -0.31 -20.54
N ASP A 316 -7.73 -0.30 -19.67
CA ASP A 316 -6.33 -0.32 -20.11
C ASP A 316 -5.93 1.03 -20.71
N LYS A 317 -6.67 2.07 -20.36
CA LYS A 317 -6.38 3.41 -20.86
C LYS A 317 -5.63 4.20 -19.80
N ALA A 318 -5.49 3.60 -18.62
CA ALA A 318 -4.81 4.22 -17.49
C ALA A 318 -3.30 4.36 -17.72
N ALA A 319 -2.76 5.53 -17.38
CA ALA A 319 -1.34 5.81 -17.54
C ALA A 319 -0.64 5.95 -16.17
N PRO A 320 0.67 5.71 -16.14
CA PRO A 320 1.49 5.79 -14.93
C PRO A 320 1.43 7.14 -14.21
N GLU A 321 1.50 8.23 -14.97
CA GLU A 321 1.48 9.56 -14.39
C GLU A 321 0.13 9.92 -13.82
N MET A 322 -0.92 9.20 -14.20
CA MET A 322 -2.26 9.45 -13.67
C MET A 322 -2.21 9.07 -12.20
N VAL A 323 -1.66 7.88 -11.95
CA VAL A 323 -1.51 7.30 -10.62
C VAL A 323 -0.64 8.18 -9.70
N SER A 324 0.43 8.73 -10.26
CA SER A 324 1.30 9.59 -9.46
C SER A 324 0.49 10.75 -8.93
N LEU A 325 -0.31 11.33 -9.83
CA LEU A 325 -1.13 12.49 -9.51
C LEU A 325 -2.09 12.26 -8.36
N LEU A 326 -2.72 11.09 -8.31
CA LEU A 326 -3.64 10.83 -7.22
C LEU A 326 -2.93 10.34 -5.96
N LYS A 327 -1.94 9.48 -6.11
CA LYS A 327 -1.23 8.98 -4.95
C LYS A 327 -0.64 10.21 -4.22
N ARG A 328 0.09 11.03 -4.97
CA ARG A 328 0.70 12.22 -4.40
C ARG A 328 -0.38 13.11 -3.79
N ASN A 329 -1.42 13.42 -4.56
CA ASN A 329 -2.49 14.26 -4.03
C ASN A 329 -3.16 13.72 -2.79
N ASN A 330 -3.76 12.55 -2.91
CA ASN A 330 -4.46 11.94 -1.80
C ASN A 330 -3.63 11.73 -0.54
N CYS A 331 -2.37 11.32 -0.71
CA CYS A 331 -1.50 11.09 0.44
C CYS A 331 -1.22 12.37 1.22
N GLY A 332 -0.85 13.43 0.52
CA GLY A 332 -0.58 14.68 1.22
C GLY A 332 -1.86 15.21 1.87
N LYS A 333 -2.94 15.21 1.09
CA LYS A 333 -4.21 15.71 1.60
C LYS A 333 -4.70 14.88 2.80
N ALA A 334 -4.48 13.57 2.79
CA ALA A 334 -4.90 12.73 3.91
C ALA A 334 -4.04 13.02 5.14
N LEU A 335 -2.75 13.25 4.90
CA LEU A 335 -1.84 13.55 5.99
C LEU A 335 -2.34 14.77 6.74
N ASP A 336 -2.72 15.82 6.00
CA ASP A 336 -3.20 17.04 6.63
C ASP A 336 -4.52 16.86 7.37
N ILE A 337 -5.40 16.06 6.80
CA ILE A 337 -6.68 15.80 7.45
C ILE A 337 -6.43 15.14 8.80
N ALA A 338 -5.54 14.16 8.83
CA ALA A 338 -5.27 13.50 10.10
C ALA A 338 -4.69 14.50 11.09
N ARG A 339 -3.82 15.38 10.62
CA ARG A 339 -3.22 16.36 11.52
C ARG A 339 -4.25 17.30 12.11
N GLN A 340 -5.19 17.75 11.28
CA GLN A 340 -6.26 18.63 11.73
C GLN A 340 -7.15 17.95 12.76
N ALA A 341 -7.53 16.70 12.50
CA ALA A 341 -8.38 15.97 13.45
C ALA A 341 -7.67 15.84 14.79
N ARG A 342 -6.35 15.63 14.73
CA ARG A 342 -5.58 15.48 15.96
C ARG A 342 -5.74 16.77 16.74
N ASP A 343 -5.49 17.88 16.07
CA ASP A 343 -5.59 19.19 16.70
C ASP A 343 -7.00 19.46 17.22
N MET A 344 -8.00 19.04 16.46
CA MET A 344 -9.40 19.24 16.83
C MET A 344 -9.88 18.52 18.08
N LEU A 345 -9.16 17.48 18.50
CA LEU A 345 -9.53 16.73 19.70
C LEU A 345 -8.74 17.22 20.92
N GLY A 346 -7.97 18.29 20.74
CA GLY A 346 -7.19 18.84 21.84
C GLY A 346 -6.28 17.83 22.53
N GLY A 347 -6.25 17.91 23.85
CA GLY A 347 -5.43 17.00 24.62
C GLY A 347 -5.67 15.53 24.31
N ASN A 348 -6.94 15.13 24.24
CA ASN A 348 -7.28 13.74 23.95
C ASN A 348 -6.73 13.29 22.59
N GLY A 349 -6.60 14.23 21.68
CA GLY A 349 -6.09 13.92 20.36
C GLY A 349 -4.73 13.24 20.33
N ILE A 350 -3.92 13.41 21.38
CA ILE A 350 -2.60 12.79 21.39
C ILE A 350 -2.59 11.37 22.00
N SER A 351 -3.77 10.86 22.35
CA SER A 351 -3.88 9.51 22.90
C SER A 351 -4.29 8.55 21.79
N ASP A 352 -3.59 7.42 21.69
CA ASP A 352 -3.89 6.43 20.66
C ASP A 352 -5.30 5.86 20.80
N GLU A 353 -5.91 6.11 21.96
CA GLU A 353 -7.26 5.64 22.23
C GLU A 353 -8.29 6.43 21.42
N TYR A 354 -7.84 7.50 20.79
CA TYR A 354 -8.70 8.33 19.97
C TYR A 354 -8.34 8.18 18.51
N HIS A 355 -7.42 7.23 18.27
CA HIS A 355 -6.97 6.84 16.94
C HIS A 355 -6.42 7.87 15.95
N VAL A 356 -6.95 9.07 15.95
CA VAL A 356 -6.48 10.09 15.00
C VAL A 356 -4.94 10.21 15.00
N ILE A 357 -4.32 10.12 16.17
CA ILE A 357 -2.87 10.23 16.27
C ILE A 357 -2.21 9.09 15.51
N ARG A 358 -2.76 7.89 15.63
CA ARG A 358 -2.22 6.73 14.91
C ARG A 358 -2.28 6.95 13.40
N HIS A 359 -3.39 7.51 12.93
CA HIS A 359 -3.51 7.79 11.50
C HIS A 359 -2.57 8.90 11.05
N ALA A 360 -2.35 9.91 11.90
CA ALA A 360 -1.46 11.00 11.53
C ALA A 360 -0.04 10.47 11.40
N MET A 361 0.33 9.60 12.33
CA MET A 361 1.67 9.02 12.32
C MET A 361 1.84 8.09 11.12
N ASN A 362 0.82 7.27 10.87
CA ASN A 362 0.85 6.32 9.76
C ASN A 362 0.98 7.00 8.39
N LEU A 363 0.17 8.03 8.14
CA LEU A 363 0.20 8.71 6.84
C LEU A 363 1.51 9.42 6.56
N GLU A 364 2.32 9.56 7.60
CA GLU A 364 3.62 10.19 7.46
C GLU A 364 4.44 9.27 6.53
N ALA A 365 4.43 7.97 6.83
CA ALA A 365 5.16 6.97 6.03
C ALA A 365 4.57 6.76 4.65
N VAL A 366 3.25 6.69 4.60
CA VAL A 366 2.56 6.47 3.33
C VAL A 366 2.89 7.58 2.34
N ASN A 367 3.05 8.79 2.83
CA ASN A 367 3.36 9.92 1.97
C ASN A 367 4.79 9.81 1.45
N THR A 368 5.59 8.97 2.11
CA THR A 368 6.99 8.78 1.72
C THR A 368 7.23 7.61 0.76
N TYR A 369 6.68 6.45 1.07
CA TYR A 369 6.91 5.29 0.21
C TYR A 369 6.11 5.26 -1.07
N GLU A 370 6.57 4.45 -2.03
CA GLU A 370 5.94 4.33 -3.34
C GLU A 370 6.15 5.64 -4.08
N GLY A 371 7.21 6.34 -3.70
CA GLY A 371 7.51 7.62 -4.31
C GLY A 371 7.14 8.73 -3.35
N THR A 372 8.12 9.54 -2.98
CA THR A 372 7.88 10.64 -2.06
C THR A 372 7.00 11.68 -2.73
N HIS A 373 6.43 12.58 -1.94
CA HIS A 373 5.57 13.63 -2.47
C HIS A 373 6.28 14.43 -3.58
N ASP A 374 7.54 14.80 -3.35
CA ASP A 374 8.28 15.57 -4.35
C ASP A 374 8.66 14.72 -5.55
N ILE A 375 8.89 13.43 -5.34
CA ILE A 375 9.24 12.57 -6.46
C ILE A 375 8.07 12.50 -7.44
N HIS A 376 6.85 12.42 -6.92
CA HIS A 376 5.69 12.39 -7.82
C HIS A 376 5.48 13.76 -8.43
N ALA A 377 6.09 14.77 -7.83
CA ALA A 377 5.98 16.12 -8.36
C ALA A 377 6.86 16.18 -9.60
N LEU A 378 8.04 15.60 -9.49
CA LEU A 378 8.99 15.57 -10.59
C LEU A 378 8.52 14.66 -11.73
N ILE A 379 7.84 13.57 -11.41
CA ILE A 379 7.33 12.68 -12.45
C ILE A 379 6.24 13.40 -13.24
N LEU A 380 5.37 14.11 -12.52
CA LEU A 380 4.31 14.88 -13.16
C LEU A 380 4.95 16.02 -13.93
N GLY A 381 5.87 16.72 -13.28
CA GLY A 381 6.55 17.83 -13.92
C GLY A 381 7.25 17.42 -15.21
N ARG A 382 7.85 16.24 -15.22
CA ARG A 382 8.56 15.76 -16.40
C ARG A 382 7.57 15.43 -17.53
N ALA A 383 6.43 14.86 -17.15
CA ALA A 383 5.41 14.48 -18.11
C ALA A 383 4.68 15.70 -18.68
N ILE A 384 4.88 16.86 -18.07
CA ILE A 384 4.22 18.09 -18.50
C ILE A 384 5.12 18.95 -19.39
N THR A 385 6.38 19.08 -18.97
CA THR A 385 7.35 19.88 -19.71
C THR A 385 8.18 19.10 -20.71
N GLY A 386 8.24 17.78 -20.52
CA GLY A 386 9.03 16.95 -21.41
C GLY A 386 10.49 17.03 -20.97
N ILE A 387 10.74 17.81 -19.92
CA ILE A 387 12.09 17.98 -19.38
C ILE A 387 12.28 17.26 -18.04
N GLN A 388 13.41 16.58 -17.94
CA GLN A 388 13.75 15.83 -16.74
C GLN A 388 14.43 16.78 -15.73
N ALA A 389 14.07 16.65 -14.44
CA ALA A 389 14.66 17.47 -13.39
C ALA A 389 14.92 16.68 -12.11
N PHE A 390 15.06 15.36 -12.23
CA PHE A 390 15.34 14.53 -11.07
C PHE A 390 16.83 14.68 -10.73
N THR A 391 17.67 14.72 -11.77
CA THR A 391 19.11 14.85 -11.59
C THR A 391 19.62 16.11 -12.28
N ALA A 392 20.94 16.29 -12.27
CA ALA A 392 21.59 17.46 -12.89
C ALA A 392 22.52 17.00 -14.00
PA FAD B . 15.37 9.24 -0.06
O1A FAD B . 15.22 8.62 -1.38
O2A FAD B . 16.74 9.40 0.52
O5B FAD B . 14.66 10.64 -0.16
C5B FAD B . 14.60 11.53 0.92
C4B FAD B . 13.89 12.92 0.74
O4B FAD B . 14.50 13.70 -0.32
C3B FAD B . 12.34 12.75 0.28
O3B FAD B . 11.58 13.50 1.23
C2B FAD B . 12.27 13.43 -1.09
O2B FAD B . 11.17 14.37 -1.12
C1B FAD B . 13.64 14.09 -1.48
N9A FAD B . 14.35 13.76 -2.72
C8A FAD B . 14.96 12.58 -3.11
N7A FAD B . 15.51 12.60 -4.30
C5A FAD B . 15.27 13.88 -4.75
C6A FAD B . 15.59 14.65 -6.00
N6A FAD B . 16.25 14.13 -7.01
N1A FAD B . 15.15 15.98 -6.09
C2A FAD B . 14.46 16.55 -5.06
N3A FAD B . 14.12 15.96 -3.89
C4A FAD B . 14.55 14.62 -3.80
N1 FAD B . 10.50 -0.15 -0.33
C2 FAD B . 10.40 -1.34 -1.04
O2 FAD B . 11.04 -1.55 -2.06
N3 FAD B . 9.51 -2.30 -0.52
C4 FAD B . 8.71 -2.20 0.63
O4 FAD B . 7.99 -3.17 0.93
C4X FAD B . 8.84 -0.96 1.38
N5 FAD B . 8.07 -0.85 2.54
C5X FAD B . 8.25 0.35 3.25
C6 FAD B . 7.52 0.50 4.51
C7 FAD B . 7.64 1.65 5.30
C7M FAD B . 6.85 1.70 6.60
C8 FAD B . 8.53 2.76 4.87
C8M FAD B . 8.79 4.09 5.63
C9 FAD B . 9.22 2.64 3.69
C9A FAD B . 9.12 1.45 2.85
N10 FAD B . 9.88 1.27 1.60
C10 FAD B . 9.76 0.03 0.82
C1' FAD B . 10.78 2.35 1.17
C2' FAD B . 10.21 3.52 0.36
O2' FAD B . 9.69 3.02 -0.86
C3' FAD B . 11.35 4.51 0.09
O3' FAD B . 11.72 4.92 1.41
C4' FAD B . 11.07 5.80 -0.72
O4' FAD B . 10.71 5.43 -2.04
C5' FAD B . 12.31 6.66 -0.86
O5' FAD B . 12.81 7.11 0.34
P FAD B . 14.19 6.91 1.04
O1P FAD B . 13.93 6.43 2.41
O2P FAD B . 15.31 6.28 0.33
O3P FAD B . 14.52 8.46 1.03
P31 TGC C . 12.79 6.39 -16.06
O33 TGC C . 13.06 7.61 -16.84
O34 TGC C . 11.39 5.84 -16.02
O23 TGC C . 13.83 5.31 -16.58
C19 TGC C . 13.80 4.01 -16.03
C18 TGC C . 12.90 2.80 -16.58
O22 TGC C . 11.53 2.69 -16.02
C15 TGC C . 10.48 2.60 -17.07
N9 TGC C . 9.11 2.83 -16.56
C4 TGC C . 8.05 1.93 -16.61
N3 TGC C . 8.07 0.65 -17.18
C2 TGC C . 6.87 0.01 -17.08
N1 TGC C . 5.73 0.47 -16.53
C6 TGC C . 5.70 1.75 -15.96
N6 TGC C . 4.58 2.18 -15.43
C5 TGC C . 6.96 2.58 -16.01
N7 TGC C . 7.32 3.84 -15.57
C8 TGC C . 8.58 3.95 -15.92
C16 TGC C . 11.23 3.49 -18.07
O20 TGC C . 10.56 3.69 -19.35
C17 TGC C . 12.60 2.83 -18.20
O21 TGC C . 12.49 1.46 -18.61
P39 TGC C . 12.74 0.90 -20.13
O40 TGC C . 11.77 1.53 -21.08
O41 TGC C . 14.13 1.23 -20.58
O42 TGC C . 12.51 -0.61 -20.09
O32 TGC C . 13.10 6.56 -14.55
P35 TGC C . 14.49 7.13 -14.10
O36 TGC C . 15.68 6.33 -14.53
O37 TGC C . 14.73 8.55 -14.61
O38 TGC C . 14.19 7.07 -12.51
C46 TGC C . 13.02 7.80 -11.89
C45 TGC C . 12.16 6.84 -10.96
C53 TGC C . 11.10 6.22 -11.95
C57 TGC C . 13.09 5.77 -10.38
C44 TGC C . 11.46 7.60 -9.81
O52 TGC C . 10.57 8.61 -10.39
C43 TGC C . 10.58 6.66 -8.81
O51 TGC C . 9.63 5.93 -9.20
N68 TGC C . 11.01 6.75 -7.48
C62 TGC C . 10.36 6.00 -6.43
C61 TGC C . 11.08 4.89 -5.81
C69 TGC C . 10.17 3.70 -5.70
O72 TGC C . 9.90 3.07 -6.72
N71 TGC C . 9.67 3.40 -4.43
C74 TGC C . 8.78 2.25 -4.25
C73 TGC C . 9.34 1.04 -3.71
S81 TGC C . 8.13 -0.05 -3.08
C1' TGC C . 7.32 0.59 -1.70
O1' TGC C . 7.58 1.64 -1.25
C2' TGC C . 6.30 -0.28 -1.07
S3' TGC C . 5.58 0.39 0.39
C3' TGC C . 4.39 -0.90 0.99
C4' TGC C . 2.87 -0.62 0.95
O2' TGC C . 2.10 -0.79 0.04
O3' TGC C . 2.42 -0.15 2.14
#